data_6T5L
#
_entry.id   6T5L
#
_cell.length_a   144.684
_cell.length_b   144.684
_cell.length_c   53.306
_cell.angle_alpha   90.000
_cell.angle_beta   90.000
_cell.angle_gamma   120.000
#
_symmetry.space_group_name_H-M   'P 65'
#
loop_
_entity.id
_entity.type
_entity.pdbx_description
1 polymer 'Subclass B1 metallo-beta-lactamase'
2 non-polymer 'ZINC ION'
3 non-polymer 'MAGNESIUM ION'
4 water water
#
_entity_poly.entity_id   1
_entity_poly.type   'polypeptide(L)'
_entity_poly.pdbx_seq_one_letter_code
;GQENKKEIINKPLTDSLIVYQTENLIINKLSNHIYEHISFLNTDDFGKVACNGMLVLNENKVVVFDTPTDDKSSLELINF
VTNTLKSEIIGLIPTHFHDDCIGGITEFENHNIQTYVSKETIELLKDNGQEFSNPTKDFDNSLTLDIGNKKVYAEYFGEG
HTKDNVVGYFPEDNAVFGGCLIKEIDASKGYLGDANIKEWSTTVEKVKLKYPNAKIVIPGHGKWGGIELFDYTIKLFE
;
_entity_poly.pdbx_strand_id   A,B
#
loop_
_chem_comp.id
_chem_comp.type
_chem_comp.name
_chem_comp.formula
MG non-polymer 'MAGNESIUM ION' 'Mg 2'
ZN non-polymer 'ZINC ION' 'Zn 2'
#
# COMPACT_ATOMS: atom_id res chain seq x y z
N ASP A 15 19.70 20.98 14.29
CA ASP A 15 19.50 20.32 13.00
C ASP A 15 20.38 19.07 12.89
N SER A 16 20.32 18.40 11.75
CA SER A 16 20.65 16.99 11.69
C SER A 16 21.94 16.71 10.94
N LEU A 17 22.77 15.83 11.51
CA LEU A 17 24.00 15.37 10.87
C LEU A 17 23.76 14.02 10.25
N ILE A 18 24.21 13.85 9.01
CA ILE A 18 24.27 12.52 8.42
C ILE A 18 25.46 11.80 9.04
N VAL A 19 25.24 10.69 9.72
CA VAL A 19 26.38 10.03 10.33
C VAL A 19 26.75 8.72 9.61
N TYR A 20 26.00 8.30 8.61
CA TYR A 20 26.30 7.09 7.84
C TYR A 20 25.48 7.17 6.57
N GLN A 21 26.05 6.84 5.43
CA GLN A 21 25.26 6.85 4.20
C GLN A 21 25.91 5.97 3.14
N THR A 22 25.04 5.26 2.45
CA THR A 22 25.33 4.13 1.58
C THR A 22 24.10 4.03 0.67
N GLU A 23 24.23 3.30 -0.43
CA GLU A 23 23.06 3.09 -1.28
C GLU A 23 21.95 2.36 -0.55
N ASN A 24 22.27 1.59 0.49
CA ASN A 24 21.26 0.79 1.16
C ASN A 24 20.73 1.38 2.47
N LEU A 25 21.43 2.33 3.07
CA LEU A 25 21.14 2.76 4.43
C LEU A 25 21.61 4.19 4.66
N ILE A 26 20.72 5.06 5.13
CA ILE A 26 21.10 6.40 5.62
C ILE A 26 20.75 6.52 7.09
N ILE A 27 21.68 7.10 7.87
CA ILE A 27 21.43 7.36 9.28
C ILE A 27 21.63 8.85 9.51
N ASN A 28 20.60 9.52 10.03
CA ASN A 28 20.66 10.92 10.42
C ASN A 28 20.64 11.03 11.93
N LYS A 29 21.59 11.80 12.46
CA LYS A 29 21.61 12.14 13.87
C LYS A 29 20.75 13.39 14.09
N LEU A 30 19.67 13.25 14.85
CA LEU A 30 18.76 14.39 15.11
C LEU A 30 18.98 15.05 16.47
N SER A 31 19.46 14.32 17.47
CA SER A 31 19.79 14.87 18.79
C SER A 31 20.94 14.01 19.34
N ASN A 32 21.24 14.19 20.63
CA ASN A 32 22.25 13.37 21.28
C ASN A 32 21.77 11.92 21.45
N HIS A 33 20.47 11.67 21.55
CA HIS A 33 19.99 10.32 21.73
C HIS A 33 19.21 9.75 20.56
N ILE A 34 18.93 10.54 19.54
CA ILE A 34 17.91 10.15 18.57
C ILE A 34 18.49 10.22 17.19
N TYR A 35 18.49 9.10 16.51
CA TYR A 35 18.97 8.90 15.16
C TYR A 35 17.79 8.33 14.38
N GLU A 36 17.71 8.71 13.11
CA GLU A 36 16.73 8.22 12.15
C GLU A 36 17.47 7.34 11.14
N HIS A 37 16.96 6.12 10.93
CA HIS A 37 17.50 5.25 9.90
C HIS A 37 16.54 5.22 8.72
N ILE A 38 17.12 5.27 7.52
CA ILE A 38 16.35 5.28 6.27
C ILE A 38 16.89 4.18 5.35
N SER A 39 15.98 3.32 4.85
CA SER A 39 16.34 2.22 3.96
C SER A 39 15.27 2.15 2.87
N PHE A 40 15.48 1.27 1.89
CA PHE A 40 14.72 1.36 0.66
C PHE A 40 14.07 0.04 0.32
N LEU A 41 12.75 0.06 0.28
CA LEU A 41 11.99 -1.09 -0.15
C LEU A 41 12.04 -1.18 -1.67
N ASN A 42 12.57 -2.26 -2.22
CA ASN A 42 12.30 -2.57 -3.63
C ASN A 42 11.64 -3.94 -3.65
N THR A 43 10.31 -3.96 -3.70
CA THR A 43 9.58 -5.23 -3.64
C THR A 43 8.90 -5.58 -4.97
N ASP A 44 8.97 -4.69 -5.95
CA ASP A 44 8.40 -4.98 -7.26
C ASP A 44 9.33 -4.41 -8.33
N ASP A 45 8.84 -4.40 -9.56
CA ASP A 45 9.63 -3.98 -10.72
C ASP A 45 9.58 -2.48 -10.94
N PHE A 46 9.32 -1.72 -9.87
CA PHE A 46 9.21 -0.26 -9.92
C PHE A 46 10.10 0.34 -8.84
N GLY A 47 10.10 1.68 -8.78
CA GLY A 47 11.04 2.41 -7.96
C GLY A 47 11.08 1.93 -6.52
N LYS A 48 12.24 2.08 -5.89
CA LYS A 48 12.40 1.81 -4.46
C LYS A 48 11.74 2.92 -3.64
N VAL A 49 11.28 2.59 -2.45
CA VAL A 49 10.57 3.53 -1.60
C VAL A 49 11.31 3.65 -0.29
N ALA A 50 11.49 4.89 0.16
CA ALA A 50 12.21 5.17 1.37
C ALA A 50 11.35 4.92 2.61
N CYS A 51 11.96 4.34 3.63
CA CYS A 51 11.24 3.83 4.78
C CYS A 51 12.05 4.18 6.02
N ASN A 52 11.38 4.79 7.02
CA ASN A 52 12.09 5.35 8.17
C ASN A 52 11.96 4.44 9.39
N GLY A 53 13.01 4.41 10.21
CA GLY A 53 12.89 4.05 11.58
C GLY A 53 13.61 4.93 12.57
N MET A 54 13.62 4.49 13.84
CA MET A 54 14.19 5.32 14.93
C MET A 54 15.21 4.45 15.70
N LEU A 55 16.36 5.07 15.92
CA LEU A 55 17.36 4.52 16.81
C LEU A 55 17.44 5.43 18.02
N VAL A 56 17.26 4.84 19.19
CA VAL A 56 17.41 5.53 20.46
C VAL A 56 18.70 5.03 21.10
N LEU A 57 19.56 5.98 21.42
CA LEU A 57 20.86 5.72 22.02
C LEU A 57 20.96 6.32 23.41
N ASN A 58 21.37 5.51 24.41
CA ASN A 58 21.76 6.06 25.71
C ASN A 58 22.80 5.18 26.41
N GLU A 59 23.87 5.79 26.92
CA GLU A 59 24.97 5.07 27.60
C GLU A 59 25.40 3.83 26.79
N ASN A 60 25.66 4.03 25.52
CA ASN A 60 26.15 2.92 24.69
C ASN A 60 25.20 1.72 24.61
N LYS A 61 23.90 1.93 24.83
CA LYS A 61 22.87 0.95 24.58
C LYS A 61 21.87 1.54 23.56
N VAL A 62 21.37 0.69 22.65
CA VAL A 62 20.53 1.18 21.57
C VAL A 62 19.25 0.36 21.52
N VAL A 63 18.12 1.06 21.30
CA VAL A 63 16.84 0.44 20.97
C VAL A 63 16.42 0.92 19.59
N VAL A 64 15.94 0.00 18.77
CA VAL A 64 15.62 0.29 17.37
C VAL A 64 14.12 0.10 17.21
N PHE A 65 13.48 1.10 16.62
CA PHE A 65 12.09 1.00 16.19
C PHE A 65 12.13 0.72 14.70
N ASP A 66 11.55 -0.42 14.29
CA ASP A 66 11.56 -0.86 12.90
C ASP A 66 12.89 -1.34 12.33
N THR A 67 12.98 -2.62 12.00
CA THR A 67 14.10 -3.00 11.15
C THR A 67 14.11 -2.14 9.88
N PRO A 68 15.29 -1.80 9.36
CA PRO A 68 15.41 -1.46 7.93
C PRO A 68 14.82 -2.59 7.07
N THR A 69 14.69 -2.30 5.77
CA THR A 69 13.74 -3.03 4.93
C THR A 69 14.21 -4.44 4.59
N ASP A 70 15.50 -4.74 4.70
CA ASP A 70 15.93 -6.10 4.40
C ASP A 70 17.16 -6.48 5.22
N ASP A 71 17.62 -7.72 4.99
CA ASP A 71 18.73 -8.25 5.80
C ASP A 71 20.00 -7.43 5.58
N LYS A 72 20.33 -7.07 4.35
CA LYS A 72 21.64 -6.42 4.17
C LYS A 72 21.66 -4.99 4.71
N SER A 73 20.52 -4.27 4.65
CA SER A 73 20.41 -2.93 5.24
C SER A 73 20.50 -3.02 6.76
N SER A 74 19.79 -4.01 7.32
CA SER A 74 19.81 -4.27 8.76
C SER A 74 21.22 -4.58 9.25
N LEU A 75 21.97 -5.43 8.52
CA LEU A 75 23.35 -5.69 8.91
C LEU A 75 24.22 -4.43 8.85
N GLU A 76 24.03 -3.57 7.82
CA GLU A 76 24.75 -2.30 7.84
C GLU A 76 24.41 -1.50 9.10
N LEU A 77 23.15 -1.48 9.51
CA LEU A 77 22.77 -0.72 10.72
C LEU A 77 23.40 -1.32 12.00
N ILE A 78 23.32 -2.63 12.15
CA ILE A 78 23.89 -3.30 13.35
C ILE A 78 25.40 -3.07 13.43
N ASN A 79 26.10 -3.25 12.31
CA ASN A 79 27.54 -3.00 12.28
C ASN A 79 27.83 -1.54 12.55
N PHE A 80 27.00 -0.61 12.04
CA PHE A 80 27.22 0.78 12.40
C PHE A 80 27.09 1.01 13.90
N VAL A 81 26.08 0.42 14.52
CA VAL A 81 25.92 0.64 15.94
C VAL A 81 27.13 0.08 16.69
N THR A 82 27.58 -1.12 16.31
CA THR A 82 28.67 -1.78 17.03
C THR A 82 29.95 -1.02 16.87
N ASN A 83 30.32 -0.74 15.62
CA ASN A 83 31.64 -0.19 15.35
C ASN A 83 31.74 1.32 15.39
N THR A 84 30.66 2.03 15.15
CA THR A 84 30.72 3.49 15.16
C THR A 84 30.09 4.11 16.40
N LEU A 85 28.93 3.66 16.88
CA LEU A 85 28.44 4.14 18.18
C LEU A 85 29.03 3.34 19.35
N LYS A 86 29.86 2.33 19.06
CA LYS A 86 30.42 1.42 20.05
C LYS A 86 29.35 0.97 21.03
N SER A 87 28.20 0.56 20.50
CA SER A 87 27.08 0.26 21.36
C SER A 87 26.49 -1.13 21.09
N GLU A 88 25.69 -1.56 22.02
CA GLU A 88 24.94 -2.79 21.92
C GLU A 88 23.49 -2.43 21.64
N ILE A 89 22.87 -3.15 20.73
CA ILE A 89 21.43 -3.00 20.53
C ILE A 89 20.75 -3.92 21.52
N ILE A 90 19.93 -3.37 22.41
CA ILE A 90 19.32 -4.19 23.45
C ILE A 90 17.91 -4.60 23.13
N GLY A 91 17.34 -4.14 22.03
CA GLY A 91 15.96 -4.49 21.75
C GLY A 91 15.52 -3.94 20.42
N LEU A 92 14.66 -4.67 19.74
CA LEU A 92 14.02 -4.25 18.50
C LEU A 92 12.51 -4.20 18.71
N ILE A 93 11.88 -3.08 18.31
CA ILE A 93 10.46 -2.92 18.40
C ILE A 93 9.92 -2.67 17.01
N PRO A 94 9.37 -3.69 16.36
CA PRO A 94 8.64 -3.44 15.10
C PRO A 94 7.29 -2.81 15.40
N THR A 95 6.97 -1.71 14.71
CA THR A 95 5.82 -0.88 15.10
C THR A 95 4.53 -1.37 14.45
N HIS A 96 4.62 -2.21 13.40
CA HIS A 96 3.51 -3.03 12.88
C HIS A 96 4.06 -4.17 12.02
N PHE A 97 3.17 -4.93 11.40
CA PHE A 97 3.53 -6.22 10.83
C PHE A 97 4.00 -6.14 9.37
N HIS A 98 4.05 -4.96 8.76
CA HIS A 98 4.48 -4.90 7.37
C HIS A 98 6.00 -5.02 7.25
N ASP A 99 6.48 -5.12 6.00
CA ASP A 99 7.89 -5.40 5.78
C ASP A 99 8.79 -4.20 5.99
N ASP A 100 8.26 -2.95 5.95
CA ASP A 100 9.08 -1.82 6.41
C ASP A 100 9.13 -1.74 7.94
N CYS A 101 8.79 -2.85 8.62
CA CYS A 101 9.01 -2.90 10.06
C CYS A 101 9.78 -4.15 10.46
N ILE A 102 9.62 -5.29 9.72
CA ILE A 102 10.25 -6.55 10.10
C ILE A 102 11.06 -7.16 8.98
N GLY A 103 11.31 -6.38 7.92
CA GLY A 103 11.97 -6.93 6.73
C GLY A 103 13.33 -7.53 7.02
N GLY A 104 14.07 -6.99 8.02
CA GLY A 104 15.41 -7.48 8.32
C GLY A 104 15.46 -8.26 9.63
N ILE A 105 14.30 -8.81 10.02
CA ILE A 105 14.19 -9.44 11.32
C ILE A 105 15.21 -10.57 11.48
N THR A 106 15.43 -11.38 10.45
CA THR A 106 16.38 -12.50 10.55
C THR A 106 17.77 -12.01 10.98
N GLU A 107 18.17 -10.86 10.47
CA GLU A 107 19.52 -10.41 10.75
C GLU A 107 19.64 -9.97 12.20
N PHE A 108 18.57 -9.35 12.73
CA PHE A 108 18.54 -8.98 14.14
C PHE A 108 18.50 -10.22 15.02
N GLU A 109 17.68 -11.19 14.65
CA GLU A 109 17.61 -12.41 15.46
C GLU A 109 18.95 -13.15 15.48
N ASN A 110 19.72 -13.08 14.39
CA ASN A 110 21.00 -13.74 14.31
C ASN A 110 22.07 -13.04 15.13
N HIS A 111 21.85 -11.79 15.49
CA HIS A 111 22.71 -11.15 16.48
C HIS A 111 22.12 -11.26 17.89
N ASN A 112 21.13 -12.13 18.10
CA ASN A 112 20.45 -12.25 19.38
C ASN A 112 20.04 -10.91 19.99
N ILE A 113 19.42 -10.05 19.17
CA ILE A 113 18.76 -8.84 19.65
C ILE A 113 17.33 -9.18 20.03
N GLN A 114 17.01 -9.01 21.30
CA GLN A 114 15.65 -9.28 21.76
C GLN A 114 14.61 -8.45 20.99
N THR A 115 13.59 -9.13 20.48
CA THR A 115 12.43 -8.51 19.88
C THR A 115 11.36 -8.25 20.91
N TYR A 116 10.79 -7.06 20.88
CA TYR A 116 9.66 -6.68 21.73
C TYR A 116 8.51 -6.27 20.83
N VAL A 117 7.37 -6.95 20.93
CA VAL A 117 6.31 -6.70 19.95
C VAL A 117 4.95 -6.90 20.60
N SER A 118 3.99 -6.19 20.07
CA SER A 118 2.66 -6.24 20.64
C SER A 118 2.00 -7.55 20.23
N LYS A 119 1.00 -7.93 21.02
CA LYS A 119 0.33 -9.20 20.81
C LYS A 119 -0.53 -9.18 19.53
N GLU A 120 -1.20 -8.08 19.25
CA GLU A 120 -1.94 -7.99 17.98
C GLU A 120 -0.99 -8.07 16.79
N THR A 121 0.19 -7.50 16.91
CA THR A 121 1.15 -7.62 15.80
C THR A 121 1.53 -9.07 15.54
N ILE A 122 1.66 -9.88 16.62
CA ILE A 122 1.97 -11.30 16.49
C ILE A 122 0.85 -12.03 15.79
N GLU A 123 -0.38 -11.70 16.15
CA GLU A 123 -1.53 -12.37 15.57
C GLU A 123 -1.65 -12.06 14.08
N LEU A 124 -1.46 -10.80 13.70
CA LEU A 124 -1.57 -10.46 12.29
C LEU A 124 -0.44 -11.09 11.50
N LEU A 125 0.76 -11.09 12.03
CA LEU A 125 1.85 -11.82 11.38
C LEU A 125 1.49 -13.28 11.19
N LYS A 126 0.86 -13.90 12.19
CA LYS A 126 0.54 -15.32 12.08
C LYS A 126 -0.59 -15.53 11.10
N ASP A 127 -1.58 -14.63 11.12
CA ASP A 127 -2.62 -14.66 10.10
C ASP A 127 -2.00 -14.64 8.72
N ASN A 128 -0.85 -13.98 8.56
CA ASN A 128 -0.22 -13.84 7.26
C ASN A 128 0.92 -14.84 7.06
N GLY A 129 0.95 -15.91 7.86
CA GLY A 129 1.86 -17.01 7.63
C GLY A 129 3.24 -16.85 8.25
N GLN A 130 3.50 -15.75 8.94
CA GLN A 130 4.82 -15.50 9.49
C GLN A 130 4.79 -15.54 11.02
N GLU A 131 5.85 -16.12 11.58
CA GLU A 131 6.12 -16.15 12.99
C GLU A 131 7.55 -15.68 13.18
N PHE A 132 7.81 -15.00 14.30
CA PHE A 132 9.18 -14.79 14.76
C PHE A 132 9.82 -16.13 15.11
N SER A 133 11.08 -16.28 14.71
CA SER A 133 11.82 -17.51 14.98
C SER A 133 12.27 -17.58 16.44
N ASN A 134 12.95 -16.53 16.92
CA ASN A 134 13.35 -16.40 18.31
C ASN A 134 12.14 -16.02 19.18
N PRO A 135 12.05 -16.55 20.40
CA PRO A 135 10.97 -16.13 21.32
C PRO A 135 10.97 -14.63 21.52
N THR A 136 9.76 -14.06 21.42
CA THR A 136 9.57 -12.63 21.59
C THR A 136 9.18 -12.28 23.03
N LYS A 137 9.37 -11.02 23.38
CA LYS A 137 8.79 -10.45 24.59
C LYS A 137 7.58 -9.62 24.15
N ASP A 138 6.41 -9.98 24.66
CA ASP A 138 5.14 -9.48 24.10
C ASP A 138 4.47 -8.45 25.01
N PHE A 139 3.72 -7.53 24.42
CA PHE A 139 3.02 -6.57 25.25
C PHE A 139 1.65 -6.30 24.66
N ASP A 140 0.70 -5.98 25.55
CA ASP A 140 -0.65 -5.79 25.06
C ASP A 140 -0.77 -4.43 24.39
N ASN A 141 -0.59 -3.38 25.18
CA ASN A 141 -0.88 -2.02 24.74
C ASN A 141 0.28 -1.08 24.97
N SER A 142 1.20 -1.42 25.87
CA SER A 142 2.17 -0.45 26.33
C SER A 142 3.39 -1.20 26.81
N LEU A 143 4.55 -0.67 26.43
CA LEU A 143 5.85 -1.29 26.72
C LEU A 143 6.73 -0.19 27.29
N THR A 144 7.41 -0.52 28.39
CA THR A 144 8.40 0.35 29.02
C THR A 144 9.70 -0.44 29.00
N LEU A 145 10.72 0.11 28.39
CA LEU A 145 12.03 -0.51 28.40
C LEU A 145 13.04 0.44 29.01
N ASP A 146 13.88 -0.10 29.91
CA ASP A 146 15.07 0.63 30.37
C ASP A 146 16.17 0.64 29.30
N ILE A 147 16.70 1.82 29.00
CA ILE A 147 17.86 1.96 28.15
C ILE A 147 18.93 2.73 28.93
N GLY A 148 19.87 2.01 29.50
CA GLY A 148 20.72 2.54 30.59
C GLY A 148 19.86 3.30 31.58
N ASN A 149 20.21 4.57 31.91
CA ASN A 149 19.52 5.28 32.97
C ASN A 149 18.34 6.12 32.48
N LYS A 150 17.83 5.85 31.26
CA LYS A 150 16.68 6.51 30.67
C LYS A 150 15.69 5.44 30.22
N LYS A 151 14.54 5.86 29.76
CA LYS A 151 13.48 4.92 29.47
C LYS A 151 12.94 5.23 28.08
N VAL A 152 12.49 4.18 27.41
CA VAL A 152 11.91 4.23 26.08
C VAL A 152 10.61 3.42 26.11
N TYR A 153 9.65 3.88 25.33
CA TYR A 153 8.25 3.44 25.40
C TYR A 153 7.74 3.08 24.01
N ALA A 154 6.82 2.15 23.95
CA ALA A 154 6.01 1.92 22.76
C ALA A 154 4.60 1.91 23.28
N GLU A 155 3.65 2.44 22.52
CA GLU A 155 2.28 2.51 23.00
C GLU A 155 1.30 2.38 21.84
N TYR A 156 0.24 1.65 22.07
CA TYR A 156 -0.86 1.54 21.11
C TYR A 156 -2.00 2.52 21.47
N PHE A 157 -2.41 3.33 20.48
CA PHE A 157 -3.40 4.38 20.65
C PHE A 157 -4.71 4.08 19.93
N GLY A 158 -4.76 3.03 19.09
CA GLY A 158 -5.90 2.72 18.23
C GLY A 158 -5.46 2.34 16.81
N GLU A 159 -6.44 1.99 15.99
CA GLU A 159 -6.20 1.61 14.63
C GLU A 159 -6.02 2.82 13.72
N GLY A 160 -5.18 2.60 12.69
CA GLY A 160 -4.80 3.58 11.69
C GLY A 160 -4.41 2.96 10.36
N HIS A 161 -3.13 3.22 10.04
CA HIS A 161 -2.45 2.59 8.92
C HIS A 161 -2.66 1.07 8.93
N THR A 162 -2.54 0.45 10.10
CA THR A 162 -2.94 -0.94 10.29
C THR A 162 -3.74 -1.01 11.57
N LYS A 163 -4.19 -2.22 11.92
CA LYS A 163 -4.93 -2.42 13.16
C LYS A 163 -4.05 -2.47 14.41
N ASP A 164 -2.76 -2.73 14.24
CA ASP A 164 -1.80 -2.98 15.31
C ASP A 164 -0.80 -1.86 15.52
N ASN A 165 -0.85 -0.81 14.71
N ASN A 165 -0.88 -0.78 14.77
CA ASN A 165 0.27 0.12 14.68
CA ASN A 165 0.27 0.08 14.74
C ASN A 165 0.48 0.72 16.09
C ASN A 165 0.48 0.66 16.13
N VAL A 166 1.75 0.72 16.55
CA VAL A 166 2.18 1.35 17.81
C VAL A 166 3.12 2.54 17.53
N VAL A 167 3.27 3.42 18.52
N VAL A 167 3.33 3.39 18.60
CA VAL A 167 4.18 4.56 18.41
CA VAL A 167 4.13 4.62 18.53
C VAL A 167 5.26 4.49 19.48
C VAL A 167 5.28 4.52 19.53
N GLY A 168 6.46 4.92 19.10
CA GLY A 168 7.61 4.91 19.99
C GLY A 168 7.79 6.33 20.54
N TYR A 169 8.27 6.38 21.79
CA TYR A 169 8.44 7.60 22.53
C TYR A 169 9.69 7.55 23.40
N PHE A 170 10.51 8.59 23.25
CA PHE A 170 11.63 8.84 24.17
C PHE A 170 11.49 10.24 24.78
N PRO A 171 10.98 10.36 26.04
CA PRO A 171 10.71 11.71 26.58
C PRO A 171 11.92 12.59 26.80
N GLU A 172 13.10 12.03 27.05
CA GLU A 172 14.29 12.85 27.32
C GLU A 172 14.60 13.79 26.15
N ASP A 173 14.39 13.33 24.92
CA ASP A 173 14.59 14.20 23.76
C ASP A 173 13.27 14.59 23.12
N ASN A 174 12.16 14.45 23.83
CA ASN A 174 10.84 14.85 23.31
C ASN A 174 10.56 14.26 21.91
N ALA A 175 10.84 12.99 21.76
CA ALA A 175 10.92 12.38 20.44
C ALA A 175 9.87 11.29 20.28
N VAL A 176 9.16 11.32 19.16
CA VAL A 176 8.12 10.34 18.87
C VAL A 176 8.42 9.69 17.54
N PHE A 177 8.51 8.35 17.50
CA PHE A 177 8.50 7.66 16.21
C PHE A 177 7.03 7.38 15.89
N GLY A 178 6.50 8.12 14.92
CA GLY A 178 5.13 7.89 14.52
C GLY A 178 4.94 6.64 13.72
N GLY A 179 6.00 6.15 13.07
CA GLY A 179 5.74 5.12 12.12
C GLY A 179 4.69 5.54 11.08
N CYS A 180 4.15 4.50 10.45
CA CYS A 180 3.25 4.73 9.32
C CYS A 180 1.87 5.18 9.71
N LEU A 181 1.52 5.13 10.98
CA LEU A 181 0.36 5.90 11.41
C LEU A 181 0.49 7.41 11.18
N ILE A 182 1.69 7.95 11.05
CA ILE A 182 1.91 9.39 10.94
C ILE A 182 2.50 9.68 9.57
N LYS A 183 1.89 10.63 8.87
CA LYS A 183 2.37 11.06 7.57
C LYS A 183 3.27 12.28 7.73
N GLU A 184 4.11 12.50 6.72
CA GLU A 184 4.87 13.71 6.54
C GLU A 184 3.94 14.78 5.95
N ILE A 185 4.38 16.03 6.07
CA ILE A 185 3.59 17.14 5.54
C ILE A 185 3.34 16.94 4.05
N ASP A 186 2.08 17.09 3.66
CA ASP A 186 1.60 17.04 2.28
C ASP A 186 1.68 15.64 1.65
N ALA A 187 1.95 14.61 2.43
CA ALA A 187 1.81 13.24 1.93
C ALA A 187 0.43 12.96 1.32
N SER A 188 0.39 11.95 0.46
CA SER A 188 -0.87 11.35 0.08
C SER A 188 -1.31 10.37 1.16
N LYS A 189 -2.54 9.87 1.02
CA LYS A 189 -3.02 8.85 1.94
C LYS A 189 -2.19 7.57 1.88
N GLY A 190 -1.60 7.26 0.72
CA GLY A 190 -0.83 6.02 0.67
C GLY A 190 -1.66 4.73 0.70
N TYR A 191 -1.04 3.67 1.20
CA TYR A 191 -1.59 2.33 1.16
C TYR A 191 -2.67 2.14 2.21
N LEU A 192 -3.84 1.74 1.77
CA LEU A 192 -4.97 1.67 2.68
C LEU A 192 -5.49 0.24 2.81
N GLY A 193 -4.76 -0.75 2.27
CA GLY A 193 -5.31 -2.11 2.20
C GLY A 193 -5.55 -2.71 3.58
N ASP A 194 -4.73 -2.34 4.56
CA ASP A 194 -4.85 -2.83 5.93
C ASP A 194 -5.32 -1.76 6.91
N ALA A 195 -5.76 -0.61 6.41
CA ALA A 195 -6.01 0.54 7.25
C ALA A 195 -7.42 0.54 7.81
N ASN A 196 -7.61 1.31 8.87
CA ASN A 196 -8.94 1.56 9.41
C ASN A 196 -9.11 3.05 9.20
N ILE A 197 -9.73 3.44 8.08
CA ILE A 197 -9.89 4.86 7.77
C ILE A 197 -10.98 5.51 8.63
N LYS A 198 -11.86 4.72 9.24
CA LYS A 198 -12.86 5.37 10.08
C LYS A 198 -12.23 5.87 11.37
N GLU A 199 -11.13 5.25 11.80
CA GLU A 199 -10.54 5.57 13.08
C GLU A 199 -9.21 6.27 12.98
N TRP A 200 -8.56 6.30 11.81
CA TRP A 200 -7.20 6.84 11.73
C TRP A 200 -7.11 8.19 12.43
N SER A 201 -8.02 9.08 12.14
CA SER A 201 -7.76 10.44 12.65
C SER A 201 -8.03 10.54 14.15
N THR A 202 -9.09 9.88 14.68
CA THR A 202 -9.26 9.91 16.13
C THR A 202 -8.07 9.24 16.82
N THR A 203 -7.49 8.19 16.22
CA THR A 203 -6.28 7.61 16.78
C THR A 203 -5.18 8.67 16.90
N VAL A 204 -4.95 9.47 15.87
CA VAL A 204 -3.80 10.39 15.93
C VAL A 204 -4.13 11.57 16.87
N GLU A 205 -5.42 11.93 16.99
CA GLU A 205 -5.84 12.91 18.00
C GLU A 205 -5.38 12.48 19.40
N LYS A 206 -5.42 11.18 19.68
CA LYS A 206 -4.97 10.66 20.96
C LYS A 206 -3.46 10.75 21.10
N VAL A 207 -2.72 10.42 20.03
CA VAL A 207 -1.27 10.60 20.04
C VAL A 207 -0.92 12.08 20.31
N LYS A 208 -1.64 12.97 19.69
CA LYS A 208 -1.38 14.39 19.87
C LYS A 208 -1.64 14.81 21.30
N LEU A 209 -2.75 14.34 21.87
CA LEU A 209 -3.10 14.69 23.23
C LEU A 209 -2.04 14.19 24.20
N LYS A 210 -1.46 13.02 23.94
CA LYS A 210 -0.47 12.42 24.83
C LYS A 210 0.88 13.11 24.75
N TYR A 211 1.22 13.74 23.62
CA TYR A 211 2.56 14.28 23.40
C TYR A 211 2.51 15.75 23.00
N PRO A 212 1.90 16.61 23.82
CA PRO A 212 1.84 18.04 23.48
C PRO A 212 3.20 18.73 23.38
N ASN A 213 4.25 18.20 24.02
CA ASN A 213 5.54 18.87 24.01
C ASN A 213 6.52 18.25 23.02
N ALA A 214 6.03 17.42 22.09
CA ALA A 214 6.93 16.75 21.16
C ALA A 214 7.62 17.76 20.26
N LYS A 215 8.93 17.56 20.12
CA LYS A 215 9.79 18.36 19.25
C LYS A 215 10.31 17.55 18.06
N ILE A 216 10.31 16.23 18.14
CA ILE A 216 10.83 15.40 17.07
C ILE A 216 9.77 14.36 16.81
N VAL A 217 9.26 14.34 15.58
CA VAL A 217 8.23 13.39 15.19
C VAL A 217 8.68 12.76 13.88
N ILE A 218 8.88 11.45 13.88
CA ILE A 218 9.43 10.78 12.69
C ILE A 218 8.30 9.97 12.08
N PRO A 219 7.86 10.31 10.87
CA PRO A 219 6.84 9.51 10.20
C PRO A 219 7.47 8.27 9.57
N GLY A 220 6.61 7.35 9.13
CA GLY A 220 7.09 6.08 8.56
C GLY A 220 7.74 6.30 7.21
N HIS A 221 7.32 7.36 6.50
CA HIS A 221 7.95 7.68 5.24
C HIS A 221 8.09 9.20 5.13
N GLY A 222 9.20 9.67 4.58
CA GLY A 222 9.34 11.10 4.25
C GLY A 222 9.97 11.90 5.39
N LYS A 223 9.77 13.21 5.32
CA LYS A 223 10.53 14.16 6.12
C LYS A 223 9.98 14.20 7.54
N TRP A 224 10.85 14.10 8.52
CA TRP A 224 10.41 14.32 9.91
C TRP A 224 10.22 15.83 10.17
N GLY A 225 9.53 16.12 11.28
CA GLY A 225 9.37 17.47 11.78
C GLY A 225 8.79 17.49 13.17
N GLY A 226 7.86 18.42 13.44
CA GLY A 226 7.23 18.56 14.75
C GLY A 226 5.81 18.04 14.82
N ILE A 227 5.08 18.50 15.82
CA ILE A 227 3.72 18.04 16.07
C ILE A 227 2.77 18.40 14.92
N GLU A 228 3.17 19.30 14.03
CA GLU A 228 2.38 19.57 12.84
C GLU A 228 2.22 18.34 11.95
N LEU A 229 3.04 17.32 12.12
CA LEU A 229 2.79 16.09 11.38
C LEU A 229 1.55 15.42 11.93
N PHE A 230 1.38 15.43 13.26
CA PHE A 230 0.12 14.98 13.87
C PHE A 230 -1.06 15.73 13.25
N ASP A 231 -1.00 17.07 13.28
CA ASP A 231 -2.12 17.88 12.82
C ASP A 231 -2.44 17.57 11.38
N TYR A 232 -1.41 17.51 10.54
CA TYR A 232 -1.63 17.26 9.13
C TYR A 232 -2.25 15.86 8.92
N THR A 233 -1.83 14.85 9.69
CA THR A 233 -2.37 13.51 9.54
C THR A 233 -3.81 13.43 10.04
N ILE A 234 -4.13 14.12 11.13
CA ILE A 234 -5.51 14.18 11.60
C ILE A 234 -6.40 14.70 10.50
N LYS A 235 -5.97 15.78 9.83
CA LYS A 235 -6.85 16.47 8.90
C LYS A 235 -6.97 15.69 7.60
N LEU A 236 -5.87 15.04 7.18
CA LEU A 236 -5.87 14.17 6.01
C LEU A 236 -6.96 13.11 6.07
N PHE A 237 -7.19 12.48 7.22
CA PHE A 237 -8.17 11.38 7.31
C PHE A 237 -9.48 11.78 7.97
N GLU A 238 -9.67 13.05 8.31
CA GLU A 238 -10.96 13.52 8.80
C GLU A 238 -11.97 13.20 7.70
N ILE B 18 -19.75 7.62 -29.97
CA ILE B 18 -20.08 7.30 -28.60
C ILE B 18 -20.08 5.80 -28.40
N VAL B 19 -20.42 5.09 -29.45
CA VAL B 19 -20.71 3.66 -29.36
C VAL B 19 -20.14 2.84 -30.51
N TYR B 20 -18.95 3.15 -31.03
CA TYR B 20 -18.48 2.31 -32.14
C TYR B 20 -18.65 0.85 -31.69
N GLN B 21 -19.60 0.15 -32.30
CA GLN B 21 -20.18 -1.09 -31.78
C GLN B 21 -20.15 -2.16 -32.86
N THR B 22 -19.91 -3.44 -32.48
CA THR B 22 -19.74 -4.47 -33.49
C THR B 22 -20.26 -5.86 -33.11
N GLU B 23 -21.21 -5.95 -32.18
CA GLU B 23 -21.83 -7.22 -31.80
C GLU B 23 -20.92 -8.15 -31.03
N ASN B 24 -19.63 -8.03 -31.29
CA ASN B 24 -18.64 -8.91 -30.69
C ASN B 24 -17.88 -8.19 -29.59
N LEU B 25 -17.95 -6.87 -29.63
CA LEU B 25 -17.46 -5.99 -28.59
C LEU B 25 -17.98 -4.60 -28.92
N ILE B 26 -18.12 -3.78 -27.88
CA ILE B 26 -18.80 -2.49 -27.97
C ILE B 26 -17.92 -1.48 -27.24
N ILE B 27 -17.41 -0.49 -27.97
CA ILE B 27 -16.56 0.56 -27.41
C ILE B 27 -17.36 1.85 -27.33
N ASN B 28 -17.42 2.44 -26.14
CA ASN B 28 -18.02 3.75 -25.96
C ASN B 28 -16.94 4.77 -25.65
N LYS B 29 -17.18 6.03 -25.97
CA LYS B 29 -16.36 7.10 -25.43
C LYS B 29 -17.16 7.94 -24.46
N LEU B 30 -16.55 8.24 -23.33
CA LEU B 30 -17.17 8.97 -22.24
C LEU B 30 -16.44 10.27 -21.94
N SER B 31 -15.23 10.44 -22.48
CA SER B 31 -14.29 11.45 -22.06
C SER B 31 -13.49 11.84 -23.29
N ASN B 32 -12.74 12.93 -23.19
CA ASN B 32 -11.79 13.10 -24.27
C ASN B 32 -10.71 12.02 -24.24
N HIS B 33 -10.41 11.45 -23.06
CA HIS B 33 -9.35 10.45 -22.98
C HIS B 33 -9.79 9.08 -22.45
N ILE B 34 -11.08 8.83 -22.28
CA ILE B 34 -11.56 7.59 -21.68
C ILE B 34 -12.63 6.98 -22.57
N TYR B 35 -12.44 5.72 -22.94
CA TYR B 35 -13.45 4.92 -23.63
C TYR B 35 -13.74 3.68 -22.79
N GLU B 36 -15.01 3.34 -22.65
CA GLU B 36 -15.39 2.08 -22.01
C GLU B 36 -15.46 0.99 -23.05
N HIS B 37 -15.00 -0.20 -22.67
CA HIS B 37 -15.08 -1.35 -23.55
C HIS B 37 -15.87 -2.47 -22.91
N ILE B 38 -16.73 -3.09 -23.71
CA ILE B 38 -17.63 -4.15 -23.29
C ILE B 38 -17.37 -5.38 -24.14
N SER B 39 -17.13 -6.51 -23.49
CA SER B 39 -16.89 -7.76 -24.18
C SER B 39 -18.02 -8.70 -23.82
N PHE B 40 -18.06 -9.87 -24.47
CA PHE B 40 -19.10 -10.86 -24.25
C PHE B 40 -18.47 -12.21 -23.91
N LEU B 41 -18.79 -12.74 -22.74
CA LEU B 41 -18.23 -14.03 -22.34
C LEU B 41 -19.24 -15.17 -22.51
N VAL B 49 -22.60 -12.94 -21.14
CA VAL B 49 -22.54 -11.96 -20.05
C VAL B 49 -21.70 -10.77 -20.49
N ALA B 50 -22.19 -9.56 -20.19
CA ALA B 50 -21.49 -8.33 -20.58
C ALA B 50 -20.48 -7.92 -19.50
N CYS B 51 -19.20 -8.03 -19.84
CA CYS B 51 -18.10 -7.65 -18.97
C CYS B 51 -17.48 -6.36 -19.45
N ASN B 52 -17.15 -5.48 -18.51
CA ASN B 52 -16.65 -4.14 -18.81
C ASN B 52 -15.15 -4.05 -18.60
N GLY B 53 -14.48 -3.37 -19.53
CA GLY B 53 -13.10 -2.97 -19.30
C GLY B 53 -12.96 -1.48 -19.55
N MET B 54 -11.74 -0.96 -19.51
CA MET B 54 -11.57 0.48 -19.69
C MET B 54 -10.31 0.76 -20.51
N LEU B 55 -10.42 1.75 -21.40
CA LEU B 55 -9.30 2.23 -22.19
C LEU B 55 -9.05 3.69 -21.84
N VAL B 56 -7.79 4.10 -21.90
CA VAL B 56 -7.36 5.45 -21.54
C VAL B 56 -6.30 5.90 -22.53
N LEU B 57 -6.53 7.03 -23.19
CA LEU B 57 -5.65 7.51 -24.25
C LEU B 57 -5.19 8.93 -23.97
N ASN B 58 -3.92 9.23 -24.25
CA ASN B 58 -3.45 10.62 -24.25
C ASN B 58 -2.23 10.72 -25.14
N GLU B 59 -2.25 11.62 -26.12
CA GLU B 59 -1.15 11.74 -27.07
C GLU B 59 -0.83 10.39 -27.71
N ASN B 60 -1.88 9.82 -28.33
CA ASN B 60 -1.79 8.62 -29.18
C ASN B 60 -1.19 7.40 -28.48
N LYS B 61 -1.13 7.40 -27.15
CA LYS B 61 -0.77 6.22 -26.37
C LYS B 61 -1.98 5.78 -25.57
N VAL B 62 -2.11 4.47 -25.34
CA VAL B 62 -3.25 3.92 -24.61
C VAL B 62 -2.85 2.86 -23.59
N VAL B 63 -3.62 2.83 -22.50
CA VAL B 63 -3.60 1.78 -21.49
C VAL B 63 -5.00 1.20 -21.41
N VAL B 64 -5.08 -0.09 -21.13
CA VAL B 64 -6.37 -0.74 -21.01
C VAL B 64 -6.38 -1.60 -19.76
N PHE B 65 -7.50 -1.55 -19.07
CA PHE B 65 -7.79 -2.41 -17.95
C PHE B 65 -8.65 -3.57 -18.43
N ASP B 66 -8.34 -4.79 -17.99
CA ASP B 66 -9.19 -5.94 -18.30
C ASP B 66 -9.26 -6.29 -19.78
N THR B 67 -8.39 -7.17 -20.26
CA THR B 67 -8.69 -7.74 -21.57
C THR B 67 -10.19 -7.98 -21.79
N PRO B 68 -10.68 -7.75 -23.02
CA PRO B 68 -11.97 -8.33 -23.41
C PRO B 68 -12.03 -9.82 -23.12
N THR B 69 -13.23 -10.41 -23.23
CA THR B 69 -13.43 -11.76 -22.72
C THR B 69 -12.83 -12.86 -23.60
N ASP B 70 -12.55 -12.59 -24.88
CA ASP B 70 -12.05 -13.64 -25.77
C ASP B 70 -10.93 -13.11 -26.66
N ASP B 71 -10.34 -14.06 -27.40
CA ASP B 71 -9.11 -13.76 -28.12
C ASP B 71 -9.36 -12.82 -29.30
N LYS B 72 -10.42 -13.07 -30.08
CA LYS B 72 -10.69 -12.24 -31.25
C LYS B 72 -11.26 -10.88 -30.90
N SER B 73 -11.67 -10.69 -29.64
CA SER B 73 -12.30 -9.45 -29.18
C SER B 73 -11.40 -8.21 -29.28
N SER B 74 -10.10 -8.38 -29.48
CA SER B 74 -9.22 -7.25 -29.78
C SER B 74 -9.00 -7.16 -31.30
N ASN B 79 -6.78 -3.81 -33.67
CA ASN B 79 -7.05 -3.32 -35.01
C ASN B 79 -8.18 -2.31 -34.99
N PHE B 80 -8.61 -1.93 -33.78
CA PHE B 80 -9.49 -0.78 -33.59
C PHE B 80 -8.71 0.43 -33.09
N VAL B 81 -7.99 0.28 -31.96
CA VAL B 81 -7.43 1.45 -31.28
C VAL B 81 -6.53 2.24 -32.21
N THR B 82 -5.45 1.62 -32.68
CA THR B 82 -4.48 2.39 -33.45
C THR B 82 -4.81 2.44 -34.93
N ASN B 83 -5.66 1.53 -35.44
CA ASN B 83 -6.24 1.79 -36.75
C ASN B 83 -7.23 2.94 -36.70
N THR B 84 -8.25 2.81 -35.85
CA THR B 84 -9.29 3.82 -35.72
C THR B 84 -8.88 5.00 -34.84
N LEU B 85 -7.90 4.82 -33.96
CA LEU B 85 -7.47 5.93 -33.12
C LEU B 85 -5.94 6.01 -33.05
N GLU B 88 -1.05 3.54 -30.26
CA GLU B 88 -0.30 2.52 -29.52
C GLU B 88 -0.83 2.30 -28.13
N ILE B 89 -1.02 1.03 -27.81
CA ILE B 89 -1.38 0.65 -26.46
C ILE B 89 -0.08 0.27 -25.79
N ILE B 90 0.24 1.02 -24.74
CA ILE B 90 1.49 0.83 -24.04
C ILE B 90 1.36 -0.15 -22.89
N GLY B 91 0.15 -0.52 -22.50
CA GLY B 91 0.00 -1.36 -21.33
C GLY B 91 -1.38 -1.91 -21.03
N LEU B 92 -1.42 -3.15 -20.55
CA LEU B 92 -2.65 -3.83 -20.18
C LEU B 92 -2.60 -4.20 -18.71
N ILE B 93 -3.73 -4.04 -18.03
CA ILE B 93 -3.74 -4.34 -16.60
C ILE B 93 -4.97 -5.15 -16.22
N PRO B 94 -4.86 -6.47 -16.04
CA PRO B 94 -6.00 -7.24 -15.52
C PRO B 94 -6.23 -6.90 -14.06
N THR B 95 -7.47 -6.57 -13.73
CA THR B 95 -7.73 -6.03 -12.40
C THR B 95 -8.03 -7.10 -11.37
N HIS B 96 -8.21 -8.36 -11.78
CA HIS B 96 -8.17 -9.49 -10.86
C HIS B 96 -7.95 -10.74 -11.71
N PHE B 97 -7.99 -11.91 -11.08
CA PHE B 97 -7.55 -13.11 -11.76
C PHE B 97 -8.65 -13.88 -12.51
N HIS B 98 -9.92 -13.51 -12.37
CA HIS B 98 -10.95 -14.30 -13.04
C HIS B 98 -10.82 -14.16 -14.56
N ASP B 99 -11.46 -15.09 -15.29
CA ASP B 99 -11.24 -15.15 -16.73
C ASP B 99 -11.92 -14.02 -17.49
N ASP B 100 -12.61 -13.10 -16.83
CA ASP B 100 -13.15 -11.93 -17.50
C ASP B 100 -12.30 -10.68 -17.28
N CYS B 101 -11.06 -10.86 -16.81
CA CYS B 101 -10.02 -9.86 -16.97
C CYS B 101 -8.88 -10.34 -17.86
N ILE B 102 -8.72 -11.66 -18.02
CA ILE B 102 -7.59 -12.26 -18.71
C ILE B 102 -8.01 -13.05 -19.94
N GLY B 103 -9.30 -12.99 -20.32
CA GLY B 103 -9.81 -13.86 -21.38
C GLY B 103 -8.94 -13.89 -22.63
N GLY B 104 -8.49 -12.71 -23.06
CA GLY B 104 -7.68 -12.62 -24.27
C GLY B 104 -6.22 -12.27 -24.02
N ILE B 105 -5.62 -12.80 -22.96
CA ILE B 105 -4.20 -12.54 -22.74
C ILE B 105 -3.38 -13.22 -23.82
N THR B 106 -3.82 -14.41 -24.28
CA THR B 106 -3.12 -15.15 -25.32
C THR B 106 -2.97 -14.32 -26.59
N GLU B 107 -3.92 -13.42 -26.84
CA GLU B 107 -3.85 -12.56 -28.01
C GLU B 107 -3.02 -11.32 -27.74
N PHE B 108 -3.24 -10.67 -26.61
CA PHE B 108 -2.46 -9.48 -26.24
C PHE B 108 -0.98 -9.78 -26.24
N GLU B 109 -0.60 -11.01 -25.90
CA GLU B 109 0.81 -11.35 -25.76
C GLU B 109 1.51 -11.57 -27.09
N ASN B 110 0.84 -12.14 -28.09
CA ASN B 110 1.51 -12.32 -29.37
C ASN B 110 1.74 -10.98 -30.02
N HIS B 111 0.93 -10.01 -29.65
CA HIS B 111 1.32 -8.63 -29.86
C HIS B 111 2.35 -8.21 -28.79
N ASN B 112 3.21 -7.27 -29.11
CA ASN B 112 4.16 -6.95 -28.05
C ASN B 112 3.58 -5.89 -27.11
N ILE B 113 2.47 -6.25 -26.47
CA ILE B 113 1.82 -5.41 -25.47
C ILE B 113 2.35 -5.73 -24.06
N GLN B 114 2.98 -4.75 -23.46
CA GLN B 114 3.45 -4.90 -22.09
C GLN B 114 2.25 -4.97 -21.15
N THR B 115 2.29 -5.95 -20.25
CA THR B 115 1.21 -6.18 -19.29
C THR B 115 1.71 -5.99 -17.87
N TYR B 116 0.98 -5.18 -17.11
CA TYR B 116 1.29 -4.82 -15.74
C TYR B 116 0.26 -5.43 -14.82
N VAL B 117 0.71 -6.10 -13.76
CA VAL B 117 -0.20 -6.86 -12.92
C VAL B 117 0.34 -6.90 -11.49
N SER B 118 -0.59 -6.85 -10.54
CA SER B 118 -0.24 -6.97 -9.13
C SER B 118 0.31 -8.36 -8.84
N LYS B 119 1.20 -8.42 -7.85
CA LYS B 119 1.85 -9.68 -7.52
C LYS B 119 0.88 -10.66 -6.90
N GLU B 120 -0.11 -10.19 -6.14
CA GLU B 120 -1.11 -11.10 -5.59
C GLU B 120 -1.91 -11.77 -6.71
N THR B 121 -2.29 -11.00 -7.73
CA THR B 121 -3.01 -11.57 -8.86
C THR B 121 -2.18 -12.69 -9.49
N ILE B 122 -0.87 -12.48 -9.62
CA ILE B 122 0.03 -13.51 -10.15
C ILE B 122 0.04 -14.74 -9.26
N GLU B 123 0.10 -14.56 -7.95
CA GLU B 123 -0.01 -15.73 -7.08
C GLU B 123 -1.31 -16.49 -7.32
N LEU B 124 -2.46 -15.78 -7.41
CA LEU B 124 -3.75 -16.46 -7.51
C LEU B 124 -3.91 -17.11 -8.88
N LEU B 125 -3.34 -16.51 -9.93
CA LEU B 125 -3.29 -17.19 -11.21
C LEU B 125 -2.43 -18.44 -11.11
N LYS B 126 -1.23 -18.31 -10.53
CA LYS B 126 -0.31 -19.45 -10.44
C LYS B 126 -0.98 -20.62 -9.73
N ASP B 127 -1.63 -20.36 -8.59
CA ASP B 127 -2.39 -21.41 -7.91
C ASP B 127 -3.36 -22.09 -8.87
N ASN B 128 -3.73 -21.41 -9.96
CA ASN B 128 -4.73 -21.89 -10.90
C ASN B 128 -4.12 -22.17 -12.27
N GLY B 129 -2.85 -22.56 -12.28
CA GLY B 129 -2.21 -23.14 -13.45
C GLY B 129 -2.05 -22.21 -14.63
N GLN B 130 -2.49 -20.96 -14.52
CA GLN B 130 -2.59 -20.13 -15.72
C GLN B 130 -1.58 -18.99 -15.71
N GLU B 131 -0.32 -19.30 -15.40
CA GLU B 131 0.79 -18.39 -15.64
C GLU B 131 0.70 -17.81 -17.04
N PHE B 132 1.29 -16.63 -17.25
CA PHE B 132 1.30 -15.97 -18.55
C PHE B 132 2.54 -16.35 -19.34
N SER B 133 2.42 -16.32 -20.67
CA SER B 133 3.46 -16.80 -21.58
C SER B 133 4.51 -15.75 -21.91
N ASN B 134 4.31 -14.48 -21.52
CA ASN B 134 5.23 -13.37 -21.69
C ASN B 134 5.64 -12.83 -20.33
N PRO B 135 6.82 -12.21 -20.22
CA PRO B 135 7.23 -11.62 -18.94
C PRO B 135 6.29 -10.54 -18.44
N THR B 136 6.21 -10.45 -17.12
CA THR B 136 5.32 -9.51 -16.46
C THR B 136 6.09 -8.40 -15.77
N LYS B 137 5.52 -7.20 -15.75
CA LYS B 137 5.97 -6.12 -14.88
C LYS B 137 4.99 -6.03 -13.70
N ASP B 138 5.48 -6.37 -12.51
CA ASP B 138 4.64 -6.62 -11.35
C ASP B 138 4.70 -5.43 -10.41
N PHE B 139 3.61 -5.24 -9.65
CA PHE B 139 3.49 -4.16 -8.69
C PHE B 139 2.83 -4.71 -7.44
N ASP B 140 3.29 -4.27 -6.27
CA ASP B 140 2.83 -4.86 -5.01
C ASP B 140 1.38 -4.46 -4.69
N ASN B 141 1.14 -3.18 -4.48
CA ASN B 141 -0.21 -2.71 -4.17
C ASN B 141 -0.61 -1.48 -4.97
N SER B 142 0.31 -0.82 -5.65
CA SER B 142 0.08 0.46 -6.32
C SER B 142 0.92 0.49 -7.60
N LEU B 143 0.33 0.99 -8.67
CA LEU B 143 0.99 1.13 -9.97
C LEU B 143 0.73 2.52 -10.51
N THR B 144 1.80 3.16 -11.00
CA THR B 144 1.74 4.45 -11.66
C THR B 144 2.42 4.29 -13.01
N LEU B 145 1.68 4.54 -14.07
CA LEU B 145 2.17 4.40 -15.44
C LEU B 145 1.97 5.73 -16.14
N ASP B 146 3.06 6.32 -16.62
CA ASP B 146 2.95 7.60 -17.31
C ASP B 146 2.46 7.35 -18.74
N ILE B 147 1.35 7.97 -19.09
CA ILE B 147 0.70 7.79 -20.38
C ILE B 147 1.06 9.02 -21.19
N GLY B 148 2.12 8.92 -21.99
CA GLY B 148 2.66 10.13 -22.60
C GLY B 148 2.96 11.17 -21.56
N ASN B 149 2.38 12.37 -21.70
CA ASN B 149 2.71 13.49 -20.81
C ASN B 149 1.97 13.44 -19.46
N LYS B 150 0.99 12.53 -19.29
CA LYS B 150 0.33 12.37 -18.00
C LYS B 150 0.31 10.93 -17.48
N LYS B 151 -0.33 10.71 -16.33
CA LYS B 151 -0.22 9.41 -15.67
C LYS B 151 -1.58 8.75 -15.51
N VAL B 152 -1.55 7.42 -15.45
CA VAL B 152 -2.70 6.59 -15.12
C VAL B 152 -2.25 5.62 -14.03
N TYR B 153 -3.17 5.29 -13.11
CA TYR B 153 -2.83 4.54 -11.92
C TYR B 153 -3.72 3.32 -11.74
N ALA B 154 -3.20 2.37 -10.95
CA ALA B 154 -3.93 1.20 -10.47
C ALA B 154 -3.56 0.99 -9.01
N GLU B 155 -4.52 0.52 -8.21
CA GLU B 155 -4.26 0.38 -6.78
C GLU B 155 -5.13 -0.71 -6.15
N TYR B 156 -4.53 -1.43 -5.22
CA TYR B 156 -5.25 -2.32 -4.32
C TYR B 156 -5.68 -1.54 -3.08
N PHE B 157 -6.99 -1.59 -2.79
CA PHE B 157 -7.55 -0.98 -1.59
C PHE B 157 -7.95 -2.00 -0.53
N GLY B 158 -7.81 -3.30 -0.79
CA GLY B 158 -8.27 -4.32 0.12
C GLY B 158 -9.15 -5.32 -0.58
N GLU B 159 -9.56 -6.33 0.17
CA GLU B 159 -10.27 -7.47 -0.42
C GLU B 159 -11.75 -7.14 -0.64
N GLY B 160 -12.31 -7.68 -1.73
CA GLY B 160 -13.71 -7.52 -2.12
C GLY B 160 -14.25 -8.69 -2.89
N HIS B 161 -14.59 -8.43 -4.15
CA HIS B 161 -14.99 -9.47 -5.10
C HIS B 161 -13.99 -10.63 -5.10
N THR B 162 -12.69 -10.31 -5.07
CA THR B 162 -11.64 -11.27 -4.74
C THR B 162 -10.65 -10.62 -3.78
N LYS B 163 -9.73 -11.44 -3.30
CA LYS B 163 -8.65 -11.02 -2.42
C LYS B 163 -7.63 -10.08 -3.08
N ASP B 164 -7.62 -10.02 -4.43
CA ASP B 164 -6.64 -9.31 -5.23
C ASP B 164 -7.17 -8.17 -6.09
N ASN B 165 -8.49 -7.95 -6.16
N ASN B 165 -8.49 -7.95 -6.17
CA ASN B 165 -9.01 -6.93 -7.06
CA ASN B 165 -9.00 -6.94 -7.09
C ASN B 165 -8.35 -5.57 -6.83
C ASN B 165 -8.36 -5.56 -6.85
N VAL B 166 -7.87 -4.97 -7.92
CA VAL B 166 -7.35 -3.60 -7.90
C VAL B 166 -8.25 -2.73 -8.80
N VAL B 167 -8.05 -1.42 -8.71
CA VAL B 167 -8.95 -0.45 -9.33
C VAL B 167 -8.15 0.55 -10.14
N GLY B 168 -8.73 0.96 -11.28
CA GLY B 168 -8.08 1.88 -12.19
C GLY B 168 -8.46 3.32 -11.95
N TYR B 169 -7.50 4.21 -12.15
CA TYR B 169 -7.78 5.63 -11.96
C TYR B 169 -7.09 6.46 -13.03
N PHE B 170 -7.86 7.33 -13.67
CA PHE B 170 -7.30 8.37 -14.53
C PHE B 170 -7.77 9.73 -14.03
N PRO B 171 -6.89 10.54 -13.45
CA PRO B 171 -7.37 11.69 -12.66
C PRO B 171 -7.79 12.91 -13.46
N GLU B 172 -7.21 13.11 -14.66
CA GLU B 172 -7.58 14.28 -15.43
C GLU B 172 -9.06 14.24 -15.81
N ASP B 173 -9.57 13.06 -16.17
CA ASP B 173 -10.98 12.85 -16.50
C ASP B 173 -11.78 12.38 -15.27
N ASN B 174 -11.18 12.39 -14.08
CA ASN B 174 -11.88 11.94 -12.87
C ASN B 174 -12.58 10.61 -13.12
N ALA B 175 -11.85 9.71 -13.75
CA ALA B 175 -12.38 8.43 -14.22
C ALA B 175 -11.85 7.31 -13.34
N VAL B 176 -12.76 6.41 -12.92
CA VAL B 176 -12.40 5.24 -12.12
C VAL B 176 -12.88 4.01 -12.85
N PHE B 177 -11.99 3.04 -13.04
CA PHE B 177 -12.41 1.68 -13.37
C PHE B 177 -12.47 0.88 -12.08
N GLY B 178 -13.70 0.57 -11.63
CA GLY B 178 -13.87 -0.19 -10.40
C GLY B 178 -13.63 -1.66 -10.58
N GLY B 179 -13.77 -2.17 -11.79
CA GLY B 179 -13.72 -3.58 -11.96
C GLY B 179 -14.89 -4.21 -11.22
N CYS B 180 -14.74 -5.52 -11.03
CA CYS B 180 -15.77 -6.32 -10.37
C CYS B 180 -15.87 -6.05 -8.88
N LEU B 181 -15.03 -5.19 -8.33
CA LEU B 181 -15.22 -4.79 -6.94
C LEU B 181 -16.40 -3.86 -6.80
N ILE B 182 -16.67 -3.07 -7.83
CA ILE B 182 -17.74 -2.09 -7.81
C ILE B 182 -18.88 -2.65 -8.63
N LYS B 183 -20.08 -2.55 -8.09
CA LYS B 183 -21.30 -3.08 -8.69
C LYS B 183 -22.05 -1.98 -9.43
N GLU B 184 -22.74 -2.36 -10.51
CA GLU B 184 -23.70 -1.46 -11.14
C GLU B 184 -24.87 -1.22 -10.19
N ILE B 185 -25.69 -0.25 -10.55
CA ILE B 185 -26.44 0.46 -9.52
C ILE B 185 -27.47 -0.43 -8.82
N ASP B 186 -28.08 -1.40 -9.48
CA ASP B 186 -29.07 -2.24 -8.80
C ASP B 186 -28.74 -3.74 -8.85
N ALA B 187 -27.46 -4.08 -8.91
CA ALA B 187 -27.12 -5.46 -9.24
C ALA B 187 -27.25 -6.38 -8.03
N SER B 188 -27.29 -7.68 -8.30
CA SER B 188 -27.21 -8.66 -7.22
C SER B 188 -25.79 -8.75 -6.68
N LYS B 189 -25.66 -9.42 -5.52
CA LYS B 189 -24.35 -9.67 -4.92
C LYS B 189 -23.43 -10.50 -5.80
N GLY B 190 -23.96 -11.33 -6.71
CA GLY B 190 -23.08 -12.05 -7.62
C GLY B 190 -22.30 -13.18 -6.95
N TYR B 191 -21.25 -13.62 -7.63
CA TYR B 191 -20.54 -14.79 -7.18
C TYR B 191 -19.70 -14.45 -5.97
N LEU B 192 -19.87 -15.21 -4.88
CA LEU B 192 -19.21 -14.99 -3.61
C LEU B 192 -18.16 -16.02 -3.27
N GLY B 193 -17.97 -17.04 -4.12
CA GLY B 193 -17.00 -18.07 -3.81
C GLY B 193 -15.63 -17.51 -3.46
N ASP B 194 -15.18 -16.49 -4.19
CA ASP B 194 -13.82 -15.99 -3.99
C ASP B 194 -13.81 -14.68 -3.22
N ALA B 195 -14.94 -14.29 -2.64
CA ALA B 195 -15.08 -12.96 -2.07
C ALA B 195 -14.77 -12.93 -0.60
N ASN B 196 -14.46 -11.74 -0.13
CA ASN B 196 -14.32 -11.48 1.30
C ASN B 196 -15.47 -10.53 1.63
N ILE B 197 -16.56 -11.09 2.15
CA ILE B 197 -17.72 -10.27 2.36
C ILE B 197 -17.60 -9.48 3.65
N LYS B 198 -16.67 -9.84 4.52
CA LYS B 198 -16.54 -9.08 5.75
C LYS B 198 -15.73 -7.82 5.53
N GLU B 199 -15.06 -7.71 4.38
CA GLU B 199 -14.22 -6.57 4.03
C GLU B 199 -14.66 -5.77 2.81
N TRP B 200 -15.50 -6.35 1.92
CA TRP B 200 -15.89 -5.66 0.69
C TRP B 200 -16.35 -4.22 0.97
N SER B 201 -17.30 -4.04 1.90
CA SER B 201 -17.81 -2.71 2.24
C SER B 201 -16.69 -1.77 2.64
N THR B 202 -15.89 -2.16 3.62
CA THR B 202 -14.88 -1.23 4.07
C THR B 202 -13.88 -0.97 2.96
N THR B 203 -13.61 -1.99 2.15
CA THR B 203 -12.77 -1.78 0.97
C THR B 203 -13.31 -0.68 0.07
N VAL B 204 -14.60 -0.72 -0.22
CA VAL B 204 -15.16 0.22 -1.17
C VAL B 204 -15.22 1.62 -0.55
N GLU B 205 -15.39 1.71 0.76
CA GLU B 205 -15.31 2.99 1.44
C GLU B 205 -13.97 3.63 1.20
N LYS B 206 -12.91 2.82 1.20
CA LYS B 206 -11.58 3.38 1.01
C LYS B 206 -11.46 3.98 -0.39
N VAL B 207 -12.02 3.31 -1.40
CA VAL B 207 -12.00 3.83 -2.76
C VAL B 207 -12.73 5.17 -2.81
N LYS B 208 -13.90 5.22 -2.17
CA LYS B 208 -14.67 6.44 -2.17
C LYS B 208 -13.89 7.57 -1.49
N LEU B 209 -13.27 7.26 -0.37
CA LEU B 209 -12.46 8.24 0.33
C LEU B 209 -11.31 8.72 -0.56
N LYS B 210 -10.78 7.86 -1.41
CA LYS B 210 -9.65 8.27 -2.24
C LYS B 210 -10.10 9.09 -3.44
N TYR B 211 -11.32 8.86 -3.93
CA TYR B 211 -11.82 9.47 -5.17
C TYR B 211 -13.09 10.26 -4.92
N PRO B 212 -13.01 11.31 -4.09
CA PRO B 212 -14.24 12.06 -3.76
C PRO B 212 -14.83 12.82 -4.95
N ASN B 213 -14.04 13.11 -5.98
CA ASN B 213 -14.48 13.93 -7.10
C ASN B 213 -14.68 13.13 -8.38
N ALA B 214 -14.62 11.79 -8.31
CA ALA B 214 -14.87 10.97 -9.50
C ALA B 214 -16.18 11.36 -10.17
N LYS B 215 -16.20 11.32 -11.49
CA LYS B 215 -17.42 11.56 -12.25
C LYS B 215 -17.80 10.40 -13.16
N ILE B 216 -16.85 9.53 -13.50
CA ILE B 216 -17.09 8.31 -14.24
C ILE B 216 -16.72 7.15 -13.35
N VAL B 217 -17.65 6.21 -13.16
CA VAL B 217 -17.39 5.00 -12.41
C VAL B 217 -17.86 3.82 -13.26
N ILE B 218 -16.92 3.03 -13.77
CA ILE B 218 -17.20 1.91 -14.63
C ILE B 218 -17.13 0.63 -13.79
N PRO B 219 -18.23 -0.11 -13.60
CA PRO B 219 -18.20 -1.35 -12.83
C PRO B 219 -17.72 -2.50 -13.70
N GLY B 220 -17.51 -3.64 -13.03
CA GLY B 220 -17.07 -4.82 -13.75
C GLY B 220 -18.07 -5.25 -14.82
N HIS B 221 -19.35 -5.37 -14.41
CA HIS B 221 -20.52 -5.83 -15.17
C HIS B 221 -21.63 -4.81 -14.92
N GLY B 222 -22.43 -4.55 -15.94
CA GLY B 222 -23.46 -3.54 -15.87
C GLY B 222 -23.02 -2.23 -16.47
N LYS B 223 -23.75 -1.17 -16.13
CA LYS B 223 -23.50 0.14 -16.71
C LYS B 223 -22.94 1.14 -15.71
N TRP B 224 -22.24 2.12 -16.26
CA TRP B 224 -21.35 2.99 -15.51
C TRP B 224 -22.09 4.22 -15.01
N GLY B 225 -21.49 4.85 -14.00
CA GLY B 225 -22.08 6.07 -13.50
C GLY B 225 -21.12 6.86 -12.65
N GLY B 226 -21.64 7.41 -11.53
CA GLY B 226 -20.88 8.25 -10.62
C GLY B 226 -20.55 7.57 -9.33
N ILE B 227 -20.16 8.36 -8.33
CA ILE B 227 -19.80 7.81 -7.03
C ILE B 227 -20.98 7.06 -6.42
N GLU B 228 -22.18 7.26 -6.97
CA GLU B 228 -23.36 6.51 -6.57
C GLU B 228 -23.11 5.01 -6.54
N LEU B 229 -22.38 4.49 -7.54
CA LEU B 229 -22.09 3.06 -7.56
C LEU B 229 -21.28 2.64 -6.35
N PHE B 230 -20.31 3.47 -5.93
CA PHE B 230 -19.59 3.19 -4.69
C PHE B 230 -20.57 3.06 -3.53
N ASP B 231 -21.40 4.10 -3.37
CA ASP B 231 -22.46 4.10 -2.37
C ASP B 231 -23.30 2.85 -2.43
N TYR B 232 -23.79 2.49 -3.62
CA TYR B 232 -24.59 1.27 -3.72
C TYR B 232 -23.75 0.06 -3.31
N THR B 233 -22.51 -0.03 -3.80
CA THR B 233 -21.78 -1.24 -3.53
C THR B 233 -21.53 -1.34 -2.04
N ILE B 234 -21.22 -0.20 -1.38
CA ILE B 234 -20.96 -0.19 0.06
C ILE B 234 -22.20 -0.66 0.83
N LYS B 235 -23.39 -0.15 0.48
CA LYS B 235 -24.60 -0.56 1.19
C LYS B 235 -24.94 -2.03 0.94
N LEU B 236 -24.70 -2.54 -0.27
CA LEU B 236 -25.11 -3.91 -0.55
C LEU B 236 -24.38 -4.93 0.36
N PHE B 237 -23.09 -4.72 0.62
CA PHE B 237 -22.30 -5.66 1.42
C PHE B 237 -22.10 -5.18 2.85
N GLU B 238 -22.83 -4.14 3.26
CA GLU B 238 -22.84 -3.57 4.61
C GLU B 238 -23.45 -4.59 5.56
ZN ZN C . 2.55 -0.52 6.90
ZN ZN D . 4.86 2.25 5.93
MG MG E . 7.47 15.08 24.54
ZN ZN F . -14.32 -11.88 -11.00
ZN ZN G . -16.78 -10.03 -12.69
#